data_4RF1
#
_entry.id   4RF1
#
_cell.length_a   136.770
_cell.length_b   136.770
_cell.length_c   57.991
_cell.angle_alpha   90.00
_cell.angle_beta   90.00
_cell.angle_gamma   120.00
#
_symmetry.space_group_name_H-M   'P 63'
#
loop_
_entity.id
_entity.type
_entity.pdbx_description
1 polymer 'ORF1ab protein'
2 polymer 'Ubiquitin-60S ribosomal protein L40'
3 non-polymer 'ZINC ION'
4 non-polymer S-1,2-PROPANEDIOL
5 non-polymer 3-AMINOPROPANE
6 water water
#
loop_
_entity_poly.entity_id
_entity_poly.type
_entity_poly.pdbx_seq_one_letter_code
_entity_poly.pdbx_strand_id
1 'polypeptide(L)'
;TQQLTIEVLVTVDGVNFRTVVLNNKNTYRSQLGCVFFNGADISDTIPDEKQNGHSLYLADNLTADETKALKELYGPVDPT
FLHRFYSLKAAVHGWKMVVCDKVRSLKLSDNNCYLNAVIMTLDLLKDIKFVIPALQHAFMKHKGGDSTDFIALIMAYGNC
TFGAPDDASRLLHTVLAKAELCCSARMVWREWCNVCGIKDVVLQGLKACCYVGVQTVEDLRARMTYVCQCGGERHRQLVE
HTTPWLLLSGTPNEKLVTTSTAPDFVAFNVFQGIETAVGHYVHARLKGGLILKFDSGTVSKTSDWKCKVTDVLFPGQKYS
SDCN
;
A
2 'polypeptide(L)' MQIFVKTLTGKTITLEVEPSDTIENVKAKIQDKEGIPPDQQRLIFAGKQLEDGRTLSDYNIQKESTLHLVLRLRG B
#
loop_
_chem_comp.id
_chem_comp.type
_chem_comp.name
_chem_comp.formula
3CN non-polymer 3-AMINOPROPANE 'C3 H9 N'
PGO non-polymer S-1,2-PROPANEDIOL 'C3 H8 O2'
ZN non-polymer 'ZINC ION' 'Zn 2'
#
# COMPACT_ATOMS: atom_id res chain seq x y z
N LEU A 4 -40.87 -7.60 -23.34
CA LEU A 4 -40.00 -7.99 -24.44
C LEU A 4 -38.67 -7.25 -24.37
N THR A 5 -38.72 -5.93 -24.31
CA THR A 5 -37.52 -5.11 -24.24
C THR A 5 -37.57 -4.12 -23.08
N ILE A 6 -36.40 -3.85 -22.50
CA ILE A 6 -36.27 -2.84 -21.45
C ILE A 6 -35.17 -1.83 -21.78
N GLU A 7 -35.18 -0.72 -21.04
CA GLU A 7 -34.11 0.27 -21.15
C GLU A 7 -33.54 0.56 -19.77
N VAL A 8 -32.21 0.60 -19.69
CA VAL A 8 -31.54 0.86 -18.42
C VAL A 8 -30.58 2.03 -18.54
N LEU A 9 -30.23 2.63 -17.41
CA LEU A 9 -29.25 3.69 -17.38
C LEU A 9 -27.90 3.14 -16.93
N VAL A 10 -26.89 3.32 -17.77
CA VAL A 10 -25.57 2.75 -17.51
C VAL A 10 -24.57 3.84 -17.14
N THR A 11 -23.83 3.62 -16.05
CA THR A 11 -22.88 4.61 -15.56
C THR A 11 -21.61 3.94 -15.03
N VAL A 12 -20.53 4.72 -14.93
CA VAL A 12 -19.31 4.26 -14.29
C VAL A 12 -18.87 5.23 -13.19
N ASP A 13 -19.64 6.30 -12.99
CA ASP A 13 -19.27 7.31 -12.02
C ASP A 13 -20.45 7.83 -11.19
N GLY A 14 -21.66 7.42 -11.57
CA GLY A 14 -22.84 7.84 -10.86
C GLY A 14 -23.24 9.29 -11.14
N VAL A 15 -22.63 9.88 -12.16
CA VAL A 15 -22.98 11.24 -12.57
C VAL A 15 -23.35 11.30 -14.06
N ASN A 16 -22.64 10.53 -14.88
CA ASN A 16 -22.96 10.43 -16.30
C ASN A 16 -23.68 9.13 -16.63
N PHE A 17 -24.86 9.24 -17.24
CA PHE A 17 -25.68 8.07 -17.55
C PHE A 17 -26.02 8.01 -19.03
N ARG A 18 -26.09 6.80 -19.57
CA ARG A 18 -26.55 6.60 -20.95
C ARG A 18 -27.58 5.49 -21.02
N THR A 19 -28.58 5.66 -21.89
CA THR A 19 -29.63 4.67 -22.06
C THR A 19 -29.14 3.50 -22.91
N VAL A 20 -29.47 2.28 -22.47
CA VAL A 20 -29.13 1.09 -23.23
C VAL A 20 -30.35 0.20 -23.42
N VAL A 21 -30.63 -0.15 -24.68
CA VAL A 21 -31.75 -1.01 -25.01
C VAL A 21 -31.39 -2.48 -24.88
N LEU A 22 -32.24 -3.24 -24.20
CA LEU A 22 -31.99 -4.66 -23.97
C LEU A 22 -33.24 -5.50 -24.22
N ASN A 23 -33.05 -6.73 -24.65
CA ASN A 23 -34.17 -7.66 -24.75
C ASN A 23 -34.09 -8.70 -23.64
N ASN A 24 -35.04 -9.63 -23.62
CA ASN A 24 -35.04 -10.71 -22.64
C ASN A 24 -34.61 -12.02 -23.27
N LYS A 25 -33.84 -11.92 -24.36
CA LYS A 25 -33.37 -13.09 -25.08
C LYS A 25 -32.07 -13.62 -24.49
N ASN A 26 -31.09 -12.74 -24.35
CA ASN A 26 -29.78 -13.12 -23.85
C ASN A 26 -29.47 -12.49 -22.50
N THR A 27 -28.30 -12.82 -21.95
CA THR A 27 -27.90 -12.32 -20.65
C THR A 27 -27.41 -10.87 -20.75
N TYR A 28 -27.30 -10.21 -19.59
CA TYR A 28 -26.73 -8.88 -19.53
C TYR A 28 -25.32 -8.87 -20.11
N ARG A 29 -24.51 -9.85 -19.71
CA ARG A 29 -23.13 -9.95 -20.19
C ARG A 29 -23.08 -10.10 -21.71
N SER A 30 -24.03 -10.86 -22.25
CA SER A 30 -24.08 -11.10 -23.69
C SER A 30 -24.45 -9.85 -24.47
N GLN A 31 -25.33 -9.02 -23.90
CA GLN A 31 -25.84 -7.84 -24.60
C GLN A 31 -25.05 -6.58 -24.31
N LEU A 32 -24.48 -6.50 -23.11
CA LEU A 32 -23.90 -5.26 -22.62
C LEU A 32 -22.52 -5.47 -22.00
N GLY A 33 -22.45 -6.32 -20.99
CA GLY A 33 -21.21 -6.62 -20.32
C GLY A 33 -21.42 -6.93 -18.85
N CYS A 34 -20.34 -6.87 -18.08
CA CYS A 34 -20.42 -7.07 -16.63
C CYS A 34 -21.10 -5.88 -15.96
N VAL A 35 -22.25 -6.13 -15.34
CA VAL A 35 -23.03 -5.03 -14.75
C VAL A 35 -23.45 -5.32 -13.32
N PHE A 36 -23.41 -4.28 -12.49
CA PHE A 36 -23.85 -4.38 -11.11
C PHE A 36 -25.14 -3.60 -10.89
N PHE A 37 -26.06 -4.20 -10.15
CA PHE A 37 -27.34 -3.57 -9.85
C PHE A 37 -27.54 -3.51 -8.34
N ASN A 38 -27.51 -2.30 -7.79
CA ASN A 38 -27.56 -2.10 -6.35
C ASN A 38 -26.52 -2.96 -5.63
N GLY A 39 -25.30 -2.96 -6.15
CA GLY A 39 -24.20 -3.68 -5.53
C GLY A 39 -24.05 -5.14 -5.94
N ALA A 40 -25.08 -5.69 -6.56
CA ALA A 40 -25.07 -7.11 -6.94
C ALA A 40 -24.76 -7.32 -8.42
N ASP A 41 -23.85 -8.25 -8.70
CA ASP A 41 -23.48 -8.60 -10.07
C ASP A 41 -24.55 -9.46 -10.71
N ILE A 42 -25.28 -8.88 -11.67
CA ILE A 42 -26.36 -9.60 -12.35
C ILE A 42 -26.03 -9.89 -13.81
N SER A 43 -24.74 -9.88 -14.14
CA SER A 43 -24.28 -10.06 -15.52
C SER A 43 -24.81 -11.33 -16.17
N ASP A 44 -24.84 -12.43 -15.41
CA ASP A 44 -25.25 -13.72 -15.95
C ASP A 44 -26.73 -14.00 -15.70
N THR A 45 -27.55 -12.95 -15.75
CA THR A 45 -28.99 -13.09 -15.63
C THR A 45 -29.67 -12.48 -16.85
N ILE A 46 -30.94 -12.82 -17.05
CA ILE A 46 -31.72 -12.28 -18.16
C ILE A 46 -32.45 -11.03 -17.71
N PRO A 47 -32.34 -9.94 -18.50
CA PRO A 47 -33.04 -8.68 -18.19
C PRO A 47 -34.54 -8.86 -18.04
N ASP A 48 -35.11 -8.25 -17.02
CA ASP A 48 -36.54 -8.36 -16.74
C ASP A 48 -37.17 -6.98 -16.66
N GLU A 49 -38.50 -6.93 -16.69
CA GLU A 49 -39.24 -5.68 -16.63
C GLU A 49 -39.04 -4.98 -15.27
N LYS A 50 -38.68 -5.76 -14.26
CA LYS A 50 -38.48 -5.23 -12.92
C LYS A 50 -37.26 -4.32 -12.84
N GLN A 51 -36.37 -4.43 -13.82
CA GLN A 51 -35.15 -3.62 -13.83
C GLN A 51 -35.24 -2.51 -14.88
N ASN A 52 -36.38 -2.41 -15.54
CA ASN A 52 -36.57 -1.38 -16.55
C ASN A 52 -36.50 0.03 -15.97
N GLY A 53 -35.65 0.87 -16.56
CA GLY A 53 -35.48 2.24 -16.10
C GLY A 53 -34.46 2.38 -14.99
N HIS A 54 -34.04 1.26 -14.41
CA HIS A 54 -33.10 1.29 -13.30
C HIS A 54 -31.68 1.61 -13.75
N SER A 55 -30.82 1.95 -12.79
CA SER A 55 -29.44 2.30 -13.09
C SER A 55 -28.51 1.11 -12.89
N LEU A 56 -27.56 0.96 -13.81
CA LEU A 56 -26.58 -0.12 -13.71
C LEU A 56 -25.16 0.44 -13.73
N TYR A 57 -24.29 -0.19 -12.95
CA TYR A 57 -22.87 0.15 -12.99
C TYR A 57 -22.13 -0.85 -13.87
N LEU A 58 -21.59 -0.35 -14.98
CA LEU A 58 -20.88 -1.17 -15.95
C LEU A 58 -19.41 -1.30 -15.56
N ALA A 59 -18.85 -2.50 -15.73
CA ALA A 59 -17.48 -2.76 -15.30
C ALA A 59 -16.52 -2.98 -16.47
N ASP A 60 -17.04 -3.42 -17.61
CA ASP A 60 -16.21 -3.60 -18.81
C ASP A 60 -16.94 -3.15 -20.08
N ASN A 61 -16.28 -3.33 -21.23
CA ASN A 61 -16.83 -2.89 -22.52
C ASN A 61 -17.25 -1.42 -22.48
N LEU A 62 -16.39 -0.59 -21.90
CA LEU A 62 -16.70 0.82 -21.71
C LEU A 62 -16.63 1.61 -23.02
N THR A 63 -17.44 2.67 -23.11
CA THR A 63 -17.33 3.60 -24.22
C THR A 63 -16.08 4.44 -24.07
N ALA A 64 -15.81 5.29 -25.05
CA ALA A 64 -14.65 6.17 -25.00
C ALA A 64 -14.81 7.20 -23.88
N ASP A 65 -16.03 7.72 -23.73
CA ASP A 65 -16.30 8.71 -22.69
C ASP A 65 -16.20 8.09 -21.31
N GLU A 66 -16.75 6.89 -21.16
CA GLU A 66 -16.73 6.19 -19.88
C GLU A 66 -15.30 5.86 -19.46
N THR A 67 -14.48 5.44 -20.43
CA THR A 67 -13.08 5.12 -20.17
C THR A 67 -12.31 6.35 -19.70
N LYS A 68 -12.57 7.50 -20.33
CA LYS A 68 -11.91 8.75 -19.96
C LYS A 68 -12.29 9.17 -18.55
N ALA A 69 -13.58 9.10 -18.23
CA ALA A 69 -14.06 9.46 -16.90
C ALA A 69 -13.53 8.47 -15.86
N LEU A 70 -13.33 7.23 -16.28
CA LEU A 70 -12.78 6.21 -15.40
C LEU A 70 -11.36 6.56 -14.97
N LYS A 71 -10.57 6.99 -15.94
CA LYS A 71 -9.17 7.34 -15.68
C LYS A 71 -9.05 8.58 -14.80
N GLU A 72 -9.99 9.51 -14.93
CA GLU A 72 -9.99 10.69 -14.08
C GLU A 72 -10.46 10.35 -12.66
N LEU A 73 -11.40 9.42 -12.56
CA LEU A 73 -11.98 9.07 -11.27
C LEU A 73 -11.07 8.16 -10.45
N TYR A 74 -10.45 7.18 -11.10
CA TYR A 74 -9.68 6.16 -10.38
C TYR A 74 -8.19 6.19 -10.71
N GLY A 75 -7.78 7.05 -11.62
CA GLY A 75 -6.41 7.05 -12.10
C GLY A 75 -6.22 5.99 -13.17
N PRO A 76 -4.97 5.80 -13.63
CA PRO A 76 -4.68 4.77 -14.62
C PRO A 76 -4.75 3.36 -14.02
N VAL A 77 -5.82 2.63 -14.32
CA VAL A 77 -6.01 1.29 -13.78
C VAL A 77 -6.16 0.24 -14.89
N ASP A 78 -5.94 -1.01 -14.54
CA ASP A 78 -6.05 -2.12 -15.48
C ASP A 78 -7.53 -2.39 -15.82
N PRO A 79 -7.78 -3.07 -16.96
CA PRO A 79 -9.16 -3.33 -17.40
C PRO A 79 -10.02 -4.14 -16.42
N THR A 80 -9.39 -4.85 -15.49
CA THR A 80 -10.14 -5.68 -14.55
C THR A 80 -10.40 -5.00 -13.22
N PHE A 81 -9.85 -3.79 -13.06
CA PHE A 81 -9.93 -3.07 -11.79
C PHE A 81 -11.35 -2.82 -11.33
N LEU A 82 -12.16 -2.25 -12.21
CA LEU A 82 -13.52 -1.85 -11.87
C LEU A 82 -14.34 -3.04 -11.39
N HIS A 83 -14.24 -4.15 -12.09
CA HIS A 83 -14.92 -5.37 -11.69
C HIS A 83 -14.46 -5.84 -10.32
N ARG A 84 -13.15 -5.86 -10.11
CA ARG A 84 -12.58 -6.30 -8.85
C ARG A 84 -13.03 -5.41 -7.71
N PHE A 85 -13.03 -4.11 -7.93
CA PHE A 85 -13.48 -3.14 -6.93
C PHE A 85 -14.95 -3.38 -6.57
N TYR A 86 -15.80 -3.47 -7.59
CA TYR A 86 -17.23 -3.70 -7.38
C TYR A 86 -17.48 -5.03 -6.66
N SER A 87 -16.71 -6.05 -7.04
CA SER A 87 -16.85 -7.38 -6.45
C SER A 87 -16.41 -7.38 -5.00
N LEU A 88 -15.29 -6.73 -4.71
CA LEU A 88 -14.77 -6.63 -3.35
C LEU A 88 -15.73 -5.88 -2.44
N LYS A 89 -16.34 -4.82 -2.97
CA LYS A 89 -17.32 -4.05 -2.22
C LYS A 89 -18.49 -4.92 -1.76
N ALA A 90 -18.97 -5.79 -2.65
CA ALA A 90 -20.06 -6.70 -2.30
C ALA A 90 -19.60 -7.73 -1.29
N ALA A 91 -18.36 -8.19 -1.43
CA ALA A 91 -17.82 -9.23 -0.56
C ALA A 91 -17.62 -8.76 0.87
N VAL A 92 -17.13 -7.52 1.03
CA VAL A 92 -16.76 -7.03 2.36
C VAL A 92 -17.86 -6.20 3.02
N HIS A 93 -19.08 -6.30 2.50
CA HIS A 93 -20.20 -5.53 3.02
C HIS A 93 -20.57 -5.96 4.44
N GLY A 94 -20.31 -7.23 4.75
CA GLY A 94 -20.66 -7.80 6.04
C GLY A 94 -19.62 -7.58 7.12
N TRP A 95 -18.48 -7.00 6.76
CA TRP A 95 -17.42 -6.71 7.72
C TRP A 95 -17.85 -5.61 8.68
N LYS A 96 -17.34 -5.66 9.91
CA LYS A 96 -17.75 -4.73 10.95
C LYS A 96 -16.55 -4.08 11.65
N MET A 97 -16.76 -2.85 12.12
CA MET A 97 -15.77 -2.16 12.93
C MET A 97 -16.11 -2.29 14.42
N VAL A 98 -15.11 -2.59 15.23
CA VAL A 98 -15.29 -2.58 16.68
C VAL A 98 -14.78 -1.26 17.23
N VAL A 99 -15.58 -0.62 18.09
CA VAL A 99 -15.23 0.69 18.61
C VAL A 99 -14.95 0.64 20.11
N CYS A 100 -13.67 0.70 20.49
N CYS A 100 -13.67 0.69 20.48
CA CYS A 100 -13.28 0.68 21.88
CA CYS A 100 -13.27 0.68 21.87
C CYS A 100 -12.73 2.04 22.29
C CYS A 100 -12.72 2.04 22.29
N ASP A 101 -13.48 2.74 23.13
CA ASP A 101 -13.14 4.11 23.54
C ASP A 101 -12.90 5.00 22.32
N LYS A 102 -13.91 5.05 21.43
CA LYS A 102 -13.90 5.86 20.21
C LYS A 102 -12.95 5.33 19.12
N VAL A 103 -12.03 4.45 19.47
CA VAL A 103 -11.08 3.92 18.50
C VAL A 103 -11.71 2.80 17.66
N ARG A 104 -11.70 2.98 16.35
CA ARG A 104 -12.28 2.02 15.42
C ARG A 104 -11.27 0.99 14.96
N SER A 105 -11.64 -0.29 15.03
CA SER A 105 -10.78 -1.39 14.64
C SER A 105 -11.57 -2.44 13.86
N LEU A 106 -10.99 -2.92 12.76
CA LEU A 106 -11.68 -3.86 11.89
C LEU A 106 -11.78 -5.24 12.52
N LYS A 107 -12.99 -5.75 12.66
CA LYS A 107 -13.20 -7.05 13.29
C LYS A 107 -12.71 -8.19 12.40
N LEU A 108 -12.04 -9.16 13.00
CA LEU A 108 -11.49 -10.31 12.28
C LEU A 108 -12.55 -11.04 11.46
N SER A 109 -12.27 -11.21 10.17
CA SER A 109 -13.15 -11.94 9.26
C SER A 109 -12.46 -12.17 7.93
N ASP A 110 -12.50 -13.40 7.44
CA ASP A 110 -11.97 -13.73 6.12
C ASP A 110 -10.53 -13.27 5.94
N ASN A 111 -9.69 -13.56 6.91
CA ASN A 111 -8.26 -13.23 6.87
C ASN A 111 -7.96 -11.75 6.62
N ASN A 112 -8.75 -10.86 7.22
CA ASN A 112 -8.57 -9.42 6.99
C ASN A 112 -7.72 -8.72 8.04
N CYS A 113 -6.98 -9.48 8.85
CA CYS A 113 -6.19 -8.88 9.93
C CYS A 113 -5.11 -7.95 9.40
N TYR A 114 -4.58 -8.25 8.21
CA TYR A 114 -3.57 -7.38 7.61
C TYR A 114 -4.18 -6.03 7.24
N LEU A 115 -5.48 -6.04 6.91
CA LEU A 115 -6.21 -4.82 6.61
C LEU A 115 -6.45 -3.98 7.86
N ASN A 116 -6.72 -4.65 8.98
CA ASN A 116 -6.88 -3.94 10.25
C ASN A 116 -5.62 -3.15 10.60
N ALA A 117 -4.47 -3.77 10.42
CA ALA A 117 -3.18 -3.13 10.71
C ALA A 117 -2.92 -1.95 9.78
N VAL A 118 -3.24 -2.11 8.50
CA VAL A 118 -3.06 -1.04 7.52
C VAL A 118 -3.94 0.15 7.86
N ILE A 119 -5.24 -0.11 8.05
CA ILE A 119 -6.21 0.94 8.31
C ILE A 119 -5.96 1.67 9.63
N MET A 120 -5.70 0.93 10.69
CA MET A 120 -5.47 1.54 11.99
C MET A 120 -4.20 2.41 11.99
N THR A 121 -3.23 2.04 11.17
CA THR A 121 -2.01 2.84 11.04
C THR A 121 -2.31 4.12 10.28
N LEU A 122 -3.06 3.99 9.18
CA LEU A 122 -3.46 5.12 8.37
C LEU A 122 -4.24 6.16 9.20
N ASP A 123 -5.05 5.66 10.12
CA ASP A 123 -5.89 6.53 10.94
C ASP A 123 -5.08 7.44 11.87
N LEU A 124 -3.80 7.12 12.05
CA LEU A 124 -2.93 7.91 12.91
C LEU A 124 -2.09 8.92 12.14
N LEU A 125 -2.12 8.83 10.81
CA LEU A 125 -1.29 9.69 9.97
C LEU A 125 -1.98 11.01 9.65
N LYS A 126 -1.57 12.06 10.35
CA LYS A 126 -2.17 13.38 10.15
C LYS A 126 -1.77 14.02 8.82
N ASP A 127 -2.61 14.95 8.36
CA ASP A 127 -2.32 15.77 7.18
C ASP A 127 -2.05 14.97 5.91
N ILE A 128 -2.72 13.84 5.73
CA ILE A 128 -2.59 13.10 4.50
C ILE A 128 -3.87 13.17 3.67
N LYS A 129 -3.72 13.07 2.36
CA LYS A 129 -4.84 13.06 1.44
C LYS A 129 -4.44 12.35 0.16
N PHE A 130 -5.41 11.95 -0.63
CA PHE A 130 -5.14 11.24 -1.87
C PHE A 130 -5.48 12.10 -3.08
N VAL A 131 -4.67 11.99 -4.12
CA VAL A 131 -4.85 12.77 -5.34
C VAL A 131 -6.02 12.24 -6.16
N ILE A 132 -6.08 10.92 -6.27
CA ILE A 132 -7.15 10.25 -6.99
C ILE A 132 -8.50 10.49 -6.30
N PRO A 133 -9.42 11.18 -7.00
CA PRO A 133 -10.71 11.62 -6.47
C PRO A 133 -11.51 10.52 -5.77
N ALA A 134 -11.63 9.35 -6.39
CA ALA A 134 -12.39 8.26 -5.80
C ALA A 134 -11.77 7.77 -4.50
N LEU A 135 -10.44 7.74 -4.47
CA LEU A 135 -9.73 7.26 -3.29
C LEU A 135 -9.87 8.25 -2.14
N GLN A 136 -9.76 9.53 -2.45
CA GLN A 136 -9.92 10.58 -1.44
C GLN A 136 -11.36 10.62 -0.93
N HIS A 137 -12.31 10.46 -1.85
CA HIS A 137 -13.73 10.43 -1.48
C HIS A 137 -14.02 9.27 -0.54
N ALA A 138 -13.53 8.08 -0.89
CA ALA A 138 -13.68 6.91 -0.04
C ALA A 138 -12.96 7.09 1.29
N PHE A 139 -11.85 7.83 1.26
CA PHE A 139 -11.07 8.09 2.46
C PHE A 139 -11.86 8.96 3.43
N MET A 140 -12.49 10.01 2.91
CA MET A 140 -13.29 10.91 3.74
C MET A 140 -14.49 10.18 4.32
N LYS A 141 -15.07 9.28 3.54
CA LYS A 141 -16.20 8.47 4.01
C LYS A 141 -15.74 7.57 5.14
N HIS A 142 -14.54 7.01 5.01
CA HIS A 142 -13.97 6.14 6.03
C HIS A 142 -13.83 6.87 7.37
N LYS A 143 -13.33 8.10 7.32
CA LYS A 143 -13.16 8.90 8.52
C LYS A 143 -14.51 9.34 9.09
N GLY A 144 -15.57 9.19 8.29
CA GLY A 144 -16.90 9.57 8.73
C GLY A 144 -17.65 8.44 9.39
N GLY A 145 -17.18 7.21 9.21
CA GLY A 145 -17.81 6.06 9.83
C GLY A 145 -18.24 4.97 8.87
N ASP A 146 -18.12 5.23 7.57
CA ASP A 146 -18.47 4.25 6.54
C ASP A 146 -17.24 3.88 5.73
N SER A 147 -16.68 2.70 5.99
CA SER A 147 -15.37 2.34 5.47
C SER A 147 -15.39 1.35 4.31
N THR A 148 -16.59 0.96 3.87
CA THR A 148 -16.71 -0.08 2.84
C THR A 148 -15.97 0.29 1.55
N ASP A 149 -16.23 1.48 1.04
CA ASP A 149 -15.59 1.95 -0.20
C ASP A 149 -14.08 1.97 -0.07
N PHE A 150 -13.57 2.50 1.04
CA PHE A 150 -12.13 2.65 1.23
C PHE A 150 -11.44 1.29 1.33
N ILE A 151 -12.01 0.39 2.12
CA ILE A 151 -11.47 -0.95 2.27
C ILE A 151 -11.41 -1.67 0.92
N ALA A 152 -12.51 -1.66 0.19
CA ALA A 152 -12.58 -2.32 -1.10
C ALA A 152 -11.60 -1.71 -2.10
N LEU A 153 -11.50 -0.37 -2.08
CA LEU A 153 -10.62 0.33 -3.00
C LEU A 153 -9.15 -0.03 -2.81
N ILE A 154 -8.66 0.03 -1.57
CA ILE A 154 -7.25 -0.26 -1.34
C ILE A 154 -6.96 -1.74 -1.59
N MET A 155 -7.96 -2.59 -1.39
CA MET A 155 -7.81 -4.01 -1.73
C MET A 155 -7.67 -4.16 -3.24
N ALA A 156 -8.45 -3.38 -3.99
CA ALA A 156 -8.39 -3.38 -5.44
C ALA A 156 -7.05 -2.84 -5.95
N TYR A 157 -6.64 -1.69 -5.42
CA TYR A 157 -5.36 -1.08 -5.82
C TYR A 157 -4.19 -1.96 -5.42
N GLY A 158 -4.34 -2.69 -4.30
CA GLY A 158 -3.29 -3.54 -3.81
C GLY A 158 -3.33 -4.94 -4.39
N ASN A 159 -4.30 -5.17 -5.28
CA ASN A 159 -4.51 -6.47 -5.91
C ASN A 159 -4.69 -7.58 -4.87
N CYS A 160 -5.48 -7.29 -3.85
CA CYS A 160 -5.78 -8.26 -2.80
C CYS A 160 -7.01 -9.07 -3.17
N THR A 161 -7.07 -10.30 -2.68
CA THR A 161 -8.20 -11.19 -2.94
C THR A 161 -8.99 -11.43 -1.66
N PHE A 162 -10.31 -11.33 -1.75
CA PHE A 162 -11.18 -11.56 -0.60
C PHE A 162 -10.96 -12.96 -0.02
N GLY A 163 -10.77 -13.02 1.30
CA GLY A 163 -10.58 -14.28 1.99
C GLY A 163 -9.13 -14.71 2.10
N ALA A 164 -8.27 -14.11 1.28
CA ALA A 164 -6.86 -14.50 1.23
C ALA A 164 -6.00 -13.69 2.20
N PRO A 165 -5.03 -14.36 2.84
CA PRO A 165 -4.07 -13.65 3.70
C PRO A 165 -3.15 -12.78 2.85
N ASP A 166 -2.57 -11.74 3.45
CA ASP A 166 -1.75 -10.82 2.68
C ASP A 166 -0.76 -10.03 3.55
N ASP A 167 -0.03 -9.13 2.92
CA ASP A 167 1.05 -8.39 3.58
C ASP A 167 0.63 -6.97 3.94
N ALA A 168 0.67 -6.64 5.22
CA ALA A 168 0.25 -5.33 5.70
C ALA A 168 1.18 -4.21 5.23
N SER A 169 2.49 -4.39 5.46
CA SER A 169 3.47 -3.39 5.05
C SER A 169 3.42 -3.10 3.56
N ARG A 170 3.31 -4.16 2.76
CA ARG A 170 3.23 -4.02 1.31
C ARG A 170 2.05 -3.16 0.90
N LEU A 171 0.88 -3.44 1.48
CA LEU A 171 -0.32 -2.68 1.16
C LEU A 171 -0.23 -1.26 1.67
N LEU A 172 0.28 -1.10 2.90
CA LEU A 172 0.41 0.21 3.53
C LEU A 172 1.20 1.18 2.68
N HIS A 173 2.37 0.73 2.20
CA HIS A 173 3.24 1.58 1.40
C HIS A 173 2.69 1.78 -0.02
N THR A 174 1.96 0.79 -0.51
CA THR A 174 1.27 0.92 -1.79
C THR A 174 0.24 2.04 -1.70
N VAL A 175 -0.55 2.03 -0.64
CA VAL A 175 -1.57 3.05 -0.42
C VAL A 175 -0.92 4.42 -0.20
N LEU A 176 0.14 4.47 0.58
CA LEU A 176 0.79 5.74 0.90
C LEU A 176 1.49 6.33 -0.34
N ALA A 177 1.81 5.48 -1.31
CA ALA A 177 2.44 5.95 -2.54
C ALA A 177 1.44 6.73 -3.39
N LYS A 178 0.17 6.62 -3.05
CA LYS A 178 -0.89 7.32 -3.78
C LYS A 178 -1.35 8.56 -3.02
N ALA A 179 -0.70 8.85 -1.90
CA ALA A 179 -1.14 9.95 -1.05
C ALA A 179 -0.15 11.12 -1.06
N GLU A 180 -0.57 12.22 -0.45
CA GLU A 180 0.26 13.42 -0.33
C GLU A 180 0.09 14.03 1.06
N LEU A 181 1.05 14.87 1.45
CA LEU A 181 0.96 15.59 2.73
C LEU A 181 0.32 16.96 2.55
N CYS A 182 -0.51 17.35 3.51
CA CYS A 182 -1.13 18.66 3.48
C CYS A 182 -0.25 19.72 4.15
N CYS A 183 0.97 19.30 4.52
CA CYS A 183 1.92 20.21 5.14
C CYS A 183 3.33 19.98 4.60
N SER A 184 4.31 20.64 5.21
CA SER A 184 5.70 20.54 4.75
C SER A 184 6.44 19.38 5.42
N ALA A 185 7.36 18.78 4.68
CA ALA A 185 8.24 17.76 5.22
C ALA A 185 9.51 17.69 4.37
N ARG A 186 10.63 17.36 5.00
CA ARG A 186 11.91 17.37 4.31
C ARG A 186 12.89 16.33 4.88
N MET A 187 13.57 15.63 3.98
CA MET A 187 14.58 14.65 4.37
C MET A 187 15.79 14.77 3.45
N VAL A 188 16.96 15.04 4.03
CA VAL A 188 18.17 15.22 3.24
C VAL A 188 19.28 14.27 3.62
N TRP A 189 19.67 13.40 2.69
CA TRP A 189 20.82 12.53 2.86
C TRP A 189 22.06 13.19 2.30
N ARG A 190 23.16 13.12 3.04
CA ARG A 190 24.43 13.62 2.54
C ARG A 190 25.38 12.47 2.25
N GLU A 191 25.80 12.35 1.00
CA GLU A 191 26.82 11.38 0.60
C GLU A 191 28.09 12.12 0.26
N TRP A 192 29.24 11.56 0.65
CA TRP A 192 30.49 12.20 0.29
C TRP A 192 31.62 11.20 0.03
N CYS A 193 32.50 11.57 -0.89
CA CYS A 193 33.66 10.79 -1.29
C CYS A 193 34.78 11.75 -1.64
N ASN A 194 36.00 11.44 -1.19
CA ASN A 194 37.13 12.35 -1.36
C ASN A 194 37.47 12.67 -2.81
N VAL A 195 37.12 11.77 -3.72
CA VAL A 195 37.42 11.96 -5.13
C VAL A 195 36.24 12.53 -5.91
N CYS A 196 35.07 11.96 -5.68
CA CYS A 196 33.87 12.36 -6.42
C CYS A 196 33.25 13.65 -5.87
N GLY A 197 33.30 13.81 -4.54
CA GLY A 197 32.79 15.02 -3.92
C GLY A 197 31.57 14.78 -3.03
N ILE A 198 30.93 15.87 -2.63
CA ILE A 198 29.77 15.80 -1.76
C ILE A 198 28.47 15.86 -2.57
N LYS A 199 27.52 14.99 -2.24
CA LYS A 199 26.25 14.92 -2.95
C LYS A 199 25.08 14.80 -1.99
N ASP A 200 24.14 15.72 -2.09
CA ASP A 200 22.95 15.69 -1.25
C ASP A 200 21.75 15.11 -1.99
N VAL A 201 21.04 14.20 -1.32
CA VAL A 201 19.82 13.62 -1.86
C VAL A 201 18.62 14.12 -1.06
N VAL A 202 17.76 14.88 -1.72
CA VAL A 202 16.63 15.52 -1.05
C VAL A 202 15.31 14.82 -1.34
N LEU A 203 14.55 14.56 -0.28
CA LEU A 203 13.18 14.08 -0.42
C LEU A 203 12.24 15.07 0.27
N GLN A 204 11.06 15.27 -0.31
CA GLN A 204 10.10 16.21 0.24
C GLN A 204 8.72 15.57 0.35
N GLY A 205 7.87 16.16 1.19
CA GLY A 205 6.51 15.70 1.33
C GLY A 205 6.41 14.34 2.01
N LEU A 206 5.44 13.54 1.56
CA LEU A 206 5.17 12.24 2.17
C LEU A 206 6.38 11.31 2.06
N LYS A 207 7.09 11.41 0.96
CA LYS A 207 8.27 10.57 0.73
C LYS A 207 9.30 10.72 1.84
N ALA A 208 9.31 11.88 2.48
CA ALA A 208 10.26 12.18 3.55
C ALA A 208 9.80 11.63 4.90
N CYS A 209 8.62 11.02 4.92
CA CYS A 209 8.05 10.53 6.18
C CYS A 209 8.02 9.00 6.25
N CYS A 210 8.52 8.34 5.21
CA CYS A 210 8.48 6.88 5.16
C CYS A 210 9.81 6.31 4.72
N TYR A 211 10.17 5.18 5.30
CA TYR A 211 11.41 4.51 4.94
C TYR A 211 11.30 3.01 5.20
N VAL A 212 11.60 2.21 4.18
CA VAL A 212 11.59 0.76 4.31
C VAL A 212 13.01 0.20 4.41
N GLY A 213 13.33 -0.41 5.54
CA GLY A 213 14.64 -1.01 5.75
C GLY A 213 15.20 -0.80 7.14
N VAL A 214 14.60 0.12 7.88
CA VAL A 214 15.05 0.47 9.23
C VAL A 214 13.82 0.60 10.14
N GLN A 215 13.98 0.27 11.42
CA GLN A 215 12.83 0.33 12.34
C GLN A 215 13.07 1.20 13.58
N THR A 216 14.24 1.84 13.66
CA THR A 216 14.52 2.76 14.75
C THR A 216 15.10 4.07 14.23
N VAL A 217 14.81 5.15 14.96
CA VAL A 217 15.32 6.48 14.60
C VAL A 217 16.84 6.49 14.65
N GLU A 218 17.40 5.78 15.62
CA GLU A 218 18.85 5.70 15.79
C GLU A 218 19.53 5.07 14.59
N ASP A 219 18.95 4.02 14.04
CA ASP A 219 19.54 3.34 12.89
C ASP A 219 19.35 4.15 11.62
N LEU A 220 18.31 4.98 11.58
CA LEU A 220 18.07 5.84 10.43
C LEU A 220 19.08 6.97 10.38
N ARG A 221 19.48 7.45 11.56
CA ARG A 221 20.40 8.58 11.66
C ARG A 221 21.86 8.13 11.72
N ALA A 222 22.08 6.82 11.66
CA ALA A 222 23.44 6.27 11.74
C ALA A 222 24.20 6.48 10.44
N ARG A 223 25.52 6.64 10.54
CA ARG A 223 26.35 6.85 9.37
C ARG A 223 26.69 5.54 8.66
N MET A 224 26.47 5.50 7.35
CA MET A 224 26.77 4.32 6.55
C MET A 224 28.12 4.46 5.85
N THR A 225 28.80 3.34 5.66
CA THR A 225 30.08 3.34 4.96
C THR A 225 30.12 2.20 3.93
N TYR A 226 30.38 2.56 2.68
CA TYR A 226 30.44 1.58 1.60
C TYR A 226 31.43 1.99 0.52
N VAL A 227 31.34 1.35 -0.63
CA VAL A 227 32.28 1.61 -1.72
C VAL A 227 31.65 2.47 -2.81
N CYS A 228 32.35 3.53 -3.21
CA CYS A 228 31.87 4.43 -4.25
C CYS A 228 32.00 3.81 -5.64
N GLN A 229 31.33 4.41 -6.61
CA GLN A 229 31.40 3.97 -7.99
C GLN A 229 32.83 3.99 -8.52
N CYS A 230 33.61 4.96 -8.03
CA CYS A 230 35.01 5.09 -8.44
C CYS A 230 35.89 4.03 -7.77
N GLY A 231 35.33 3.33 -6.79
CA GLY A 231 36.05 2.26 -6.11
C GLY A 231 36.61 2.67 -4.76
N GLY A 232 36.42 3.94 -4.39
CA GLY A 232 36.94 4.45 -3.14
C GLY A 232 35.93 4.39 -2.00
N GLU A 233 36.34 4.84 -0.82
CA GLU A 233 35.48 4.83 0.35
C GLU A 233 34.41 5.92 0.26
N ARG A 234 33.15 5.50 0.33
CA ARG A 234 32.03 6.43 0.28
C ARG A 234 31.21 6.35 1.56
N HIS A 235 30.70 7.49 2.02
CA HIS A 235 29.88 7.53 3.21
C HIS A 235 28.49 8.10 2.94
N ARG A 236 27.54 7.83 3.82
CA ARG A 236 26.21 8.44 3.75
C ARG A 236 25.62 8.61 5.16
N GLN A 237 24.96 9.74 5.37
CA GLN A 237 24.36 10.06 6.67
C GLN A 237 23.20 11.04 6.51
N LEU A 238 22.13 10.81 7.27
CA LEU A 238 21.01 11.74 7.32
C LEU A 238 21.42 13.01 8.06
N VAL A 239 21.28 14.15 7.39
CA VAL A 239 21.70 15.42 7.99
C VAL A 239 20.54 16.37 8.25
N GLU A 240 19.37 16.05 7.70
CA GLU A 240 18.19 16.90 7.92
C GLU A 240 16.89 16.10 7.82
N HIS A 241 16.02 16.26 8.82
CA HIS A 241 14.75 15.55 8.83
C HIS A 241 13.69 16.36 9.60
N THR A 242 12.69 16.85 8.87
CA THR A 242 11.62 17.64 9.45
C THR A 242 10.26 17.12 9.00
N THR A 243 9.57 16.40 9.86
CA THR A 243 8.32 15.75 9.50
C THR A 243 7.25 15.92 10.57
N PRO A 244 5.95 15.83 10.19
CA PRO A 244 4.86 15.79 11.17
C PRO A 244 4.78 14.42 11.86
N TRP A 245 5.28 13.39 11.19
CA TRP A 245 5.37 12.05 11.76
C TRP A 245 6.38 11.23 10.96
N LEU A 246 6.76 10.06 11.47
CA LEU A 246 7.73 9.22 10.80
C LEU A 246 7.35 7.74 10.85
N LEU A 247 7.19 7.14 9.69
CA LEU A 247 6.86 5.72 9.60
C LEU A 247 8.05 4.90 9.11
N LEU A 248 8.59 4.07 10.00
CA LEU A 248 9.70 3.18 9.66
C LEU A 248 9.20 1.75 9.56
N SER A 249 9.55 1.07 8.47
CA SER A 249 9.09 -0.28 8.22
C SER A 249 10.23 -1.22 7.83
N GLY A 250 10.16 -2.45 8.34
CA GLY A 250 11.15 -3.46 8.02
C GLY A 250 10.64 -4.86 8.27
N THR A 251 11.51 -5.85 8.07
CA THR A 251 11.16 -7.25 8.32
C THR A 251 10.81 -7.48 9.78
N PRO A 252 9.92 -8.44 10.05
CA PRO A 252 9.57 -8.77 11.45
C PRO A 252 10.79 -9.16 12.26
N ASN A 253 11.15 -8.34 13.24
CA ASN A 253 12.27 -8.66 14.12
C ASN A 253 11.80 -8.71 15.57
N GLU A 254 12.22 -9.76 16.28
CA GLU A 254 11.73 -10.00 17.63
C GLU A 254 12.40 -9.12 18.66
N LYS A 255 11.60 -8.54 19.55
CA LYS A 255 12.12 -7.71 20.62
C LYS A 255 11.12 -7.60 21.77
N LEU A 256 11.54 -6.97 22.85
CA LEU A 256 10.68 -6.78 24.02
C LEU A 256 10.33 -5.29 24.14
N VAL A 257 9.06 -4.97 23.94
CA VAL A 257 8.59 -3.59 24.02
C VAL A 257 7.99 -3.31 25.39
N THR A 258 8.58 -2.36 26.11
CA THR A 258 8.11 -2.03 27.46
C THR A 258 7.82 -0.54 27.61
N THR A 259 6.88 -0.22 28.50
CA THR A 259 6.50 1.16 28.76
C THR A 259 7.17 1.69 30.02
N SER A 260 7.90 0.81 30.72
CA SER A 260 8.69 1.20 31.87
C SER A 260 10.05 1.75 31.42
N THR A 261 10.10 2.16 30.16
CA THR A 261 11.30 2.68 29.54
C THR A 261 10.97 4.01 28.89
N ALA A 262 9.67 4.23 28.69
CA ALA A 262 9.13 5.43 28.02
C ALA A 262 9.67 5.56 26.60
N PRO A 263 9.13 4.74 25.68
CA PRO A 263 9.53 4.78 24.27
C PRO A 263 9.11 6.09 23.59
N ASP A 264 9.64 6.32 22.39
CA ASP A 264 9.31 7.53 21.66
C ASP A 264 8.17 7.30 20.67
N PHE A 265 8.08 6.09 20.14
CA PHE A 265 7.09 5.78 19.10
C PHE A 265 5.66 5.77 19.64
N VAL A 266 4.72 6.01 18.76
CA VAL A 266 3.31 6.13 19.10
C VAL A 266 2.57 4.82 18.87
N ALA A 267 3.00 4.08 17.85
CA ALA A 267 2.32 2.85 17.45
C ALA A 267 3.22 1.94 16.64
N PHE A 268 2.80 0.68 16.51
CA PHE A 268 3.53 -0.29 15.70
C PHE A 268 2.66 -1.48 15.34
N ASN A 269 3.06 -2.20 14.29
CA ASN A 269 2.37 -3.41 13.88
C ASN A 269 3.24 -4.63 14.14
N VAL A 270 2.59 -5.77 14.37
CA VAL A 270 3.29 -7.00 14.74
C VAL A 270 2.83 -8.17 13.89
N PHE A 271 3.79 -8.98 13.42
CA PHE A 271 3.48 -10.21 12.71
C PHE A 271 3.70 -11.41 13.63
N GLN A 272 2.63 -12.15 13.90
CA GLN A 272 2.70 -13.36 14.72
C GLN A 272 2.74 -14.62 13.85
N GLY A 273 3.59 -15.56 14.21
CA GLY A 273 3.74 -16.79 13.47
C GLY A 273 5.04 -16.83 12.69
N ILE A 274 5.26 -17.91 11.95
CA ILE A 274 6.46 -18.01 11.13
C ILE A 274 6.22 -17.28 9.80
N GLU A 275 7.29 -16.72 9.24
CA GLU A 275 7.18 -15.83 8.08
C GLU A 275 6.98 -16.57 6.77
N THR A 276 7.22 -17.88 6.77
CA THR A 276 7.10 -18.67 5.55
C THR A 276 5.72 -19.31 5.42
N ALA A 277 4.89 -19.12 6.45
CA ALA A 277 3.54 -19.66 6.43
C ALA A 277 2.52 -18.54 6.68
N VAL A 278 1.27 -18.93 6.91
CA VAL A 278 0.20 -17.97 7.17
C VAL A 278 0.20 -17.54 8.63
N GLY A 279 0.41 -16.25 8.86
CA GLY A 279 0.49 -15.73 10.21
C GLY A 279 -0.70 -14.87 10.61
N HIS A 280 -0.43 -13.87 11.44
CA HIS A 280 -1.48 -13.02 11.99
C HIS A 280 -0.93 -11.65 12.36
N TYR A 281 -1.60 -10.59 11.90
CA TYR A 281 -1.19 -9.22 12.22
C TYR A 281 -1.95 -8.66 13.42
N VAL A 282 -1.25 -7.87 14.23
CA VAL A 282 -1.88 -7.16 15.34
C VAL A 282 -1.38 -5.71 15.38
N HIS A 283 -2.30 -4.77 15.55
CA HIS A 283 -1.94 -3.36 15.65
C HIS A 283 -1.86 -2.94 17.11
N ALA A 284 -0.87 -2.12 17.44
CA ALA A 284 -0.66 -1.70 18.81
C ALA A 284 -0.32 -0.21 18.92
N ARG A 285 -0.80 0.43 19.98
CA ARG A 285 -0.53 1.83 20.25
C ARG A 285 -0.10 2.02 21.70
N LEU A 286 0.63 3.10 21.98
CA LEU A 286 1.04 3.39 23.34
C LEU A 286 0.36 4.66 23.84
N LYS A 287 -0.42 4.53 24.92
CA LYS A 287 -1.18 5.65 25.46
C LYS A 287 -1.13 5.67 26.97
N LEU A 290 1.39 2.21 28.92
CA LEU A 290 0.73 0.95 28.62
C LEU A 290 0.67 0.70 27.11
N ILE A 291 0.72 -0.57 26.73
CA ILE A 291 0.61 -0.95 25.33
C ILE A 291 -0.83 -1.38 25.01
N LEU A 292 -1.53 -0.54 24.25
CA LEU A 292 -2.88 -0.87 23.78
C LEU A 292 -2.80 -1.78 22.57
N LYS A 293 -3.22 -3.02 22.73
CA LYS A 293 -3.19 -4.00 21.65
C LYS A 293 -4.55 -4.12 20.97
N PHE A 294 -4.57 -4.02 19.64
CA PHE A 294 -5.81 -4.12 18.88
C PHE A 294 -5.79 -5.33 17.96
N ASP A 295 -6.20 -6.48 18.50
CA ASP A 295 -6.15 -7.74 17.76
C ASP A 295 -7.45 -7.98 17.00
N SER A 296 -7.68 -7.20 15.96
CA SER A 296 -8.84 -7.34 15.10
C SER A 296 -10.16 -7.30 15.87
N GLY A 297 -10.34 -6.28 16.70
CA GLY A 297 -11.55 -6.14 17.48
C GLY A 297 -11.35 -6.52 18.94
N THR A 298 -10.35 -7.36 19.18
CA THR A 298 -9.98 -7.73 20.54
C THR A 298 -8.96 -6.74 21.09
N VAL A 299 -9.32 -6.03 22.14
CA VAL A 299 -8.45 -5.02 22.73
C VAL A 299 -7.99 -5.42 24.13
N SER A 300 -6.69 -5.25 24.38
CA SER A 300 -6.10 -5.59 25.67
C SER A 300 -4.90 -4.69 25.97
N LYS A 301 -4.45 -4.70 27.22
CA LYS A 301 -3.31 -3.88 27.64
C LYS A 301 -2.25 -4.71 28.35
N THR A 302 -0.98 -4.45 28.03
CA THR A 302 0.13 -5.09 28.73
C THR A 302 1.22 -4.07 29.03
N SER A 303 2.03 -4.37 30.04
CA SER A 303 3.18 -3.52 30.39
C SER A 303 4.31 -3.76 29.40
N ASP A 304 4.57 -5.04 29.12
CA ASP A 304 5.58 -5.43 28.16
C ASP A 304 5.01 -6.44 27.17
N TRP A 305 5.73 -6.70 26.08
CA TRP A 305 5.23 -7.61 25.06
C TRP A 305 6.36 -8.18 24.18
N LYS A 306 6.50 -9.49 24.21
CA LYS A 306 7.41 -10.19 23.31
C LYS A 306 6.75 -10.34 21.95
N CYS A 307 7.27 -9.65 20.95
CA CYS A 307 6.62 -9.62 19.65
C CYS A 307 7.58 -9.32 18.50
N LYS A 308 7.15 -9.62 17.28
CA LYS A 308 7.95 -9.34 16.10
C LYS A 308 7.41 -8.09 15.40
N VAL A 309 8.02 -6.95 15.69
CA VAL A 309 7.59 -5.66 15.17
C VAL A 309 7.88 -5.52 13.69
N THR A 310 6.95 -4.90 12.96
CA THR A 310 7.11 -4.69 11.52
C THR A 310 7.18 -3.20 11.19
N ASP A 311 6.01 -2.55 11.16
CA ASP A 311 5.97 -1.11 10.97
C ASP A 311 5.98 -0.41 12.32
N VAL A 312 6.71 0.72 12.39
CA VAL A 312 6.77 1.51 13.61
C VAL A 312 6.45 2.97 13.30
N LEU A 313 5.63 3.59 14.13
CA LEU A 313 5.22 4.97 13.90
C LEU A 313 5.76 5.91 14.97
N PHE A 314 6.58 6.86 14.54
CA PHE A 314 7.19 7.84 15.45
C PHE A 314 6.52 9.20 15.31
N PRO A 315 6.64 10.06 16.35
CA PRO A 315 6.07 11.40 16.26
C PRO A 315 6.87 12.31 15.32
N GLY A 316 6.51 13.58 15.27
CA GLY A 316 7.16 14.53 14.39
C GLY A 316 8.66 14.64 14.60
N GLN A 317 9.39 14.75 13.49
CA GLN A 317 10.84 14.84 13.53
C GLN A 317 11.32 16.28 13.34
N LYS A 318 12.29 16.68 14.16
CA LYS A 318 12.95 17.97 14.01
C LYS A 318 14.44 17.77 14.27
N TYR A 319 15.15 17.33 13.24
CA TYR A 319 16.53 16.88 13.39
C TYR A 319 17.47 17.48 12.35
N SER A 320 18.66 17.87 12.80
CA SER A 320 19.72 18.32 11.90
C SER A 320 21.08 17.89 12.46
N SER A 321 21.96 17.46 11.59
CA SER A 321 23.29 17.02 12.00
C SER A 321 24.38 17.79 11.25
N ASP A 322 25.43 18.18 11.96
CA ASP A 322 26.53 18.92 11.35
C ASP A 322 27.40 18.00 10.52
N CYS A 323 27.21 16.69 10.70
CA CYS A 323 27.89 15.67 9.90
C CYS A 323 29.41 15.79 9.99
N ASN A 324 29.98 15.28 11.07
CA ASN A 324 31.42 15.31 11.27
C ASN A 324 31.90 14.23 12.24
N MET B 1 22.91 -2.33 -19.31
CA MET B 1 23.04 -1.91 -17.92
C MET B 1 22.81 -3.06 -16.97
N GLN B 2 23.67 -3.19 -15.96
CA GLN B 2 23.55 -4.25 -14.97
C GLN B 2 23.20 -3.69 -13.59
N ILE B 3 22.28 -4.36 -12.91
CA ILE B 3 21.90 -3.98 -11.56
C ILE B 3 22.09 -5.14 -10.59
N PHE B 4 21.88 -4.90 -9.31
CA PHE B 4 22.08 -5.92 -8.29
C PHE B 4 20.86 -6.07 -7.38
N VAL B 5 20.47 -7.31 -7.12
CA VAL B 5 19.35 -7.59 -6.23
C VAL B 5 19.78 -8.53 -5.11
N LYS B 6 19.72 -8.06 -3.88
CA LYS B 6 20.13 -8.85 -2.72
C LYS B 6 18.94 -9.50 -2.03
N THR B 7 19.09 -10.76 -1.65
CA THR B 7 18.03 -11.49 -0.96
C THR B 7 18.24 -11.49 0.55
N LEU B 8 17.44 -12.30 1.25
CA LEU B 8 17.55 -12.40 2.70
C LEU B 8 18.56 -13.46 3.10
N THR B 9 18.70 -14.48 2.26
CA THR B 9 19.67 -15.55 2.49
C THR B 9 21.10 -15.00 2.40
N GLY B 10 21.38 -14.31 1.30
CA GLY B 10 22.69 -13.71 1.12
C GLY B 10 23.14 -13.65 -0.32
N LYS B 11 22.65 -14.57 -1.15
CA LYS B 11 23.07 -14.63 -2.54
C LYS B 11 22.60 -13.38 -3.29
N THR B 12 23.50 -12.81 -4.08
CA THR B 12 23.20 -11.59 -4.81
C THR B 12 23.24 -11.84 -6.32
N ILE B 13 22.11 -11.66 -6.98
CA ILE B 13 22.02 -11.88 -8.42
C ILE B 13 22.24 -10.59 -9.20
N THR B 14 22.62 -10.75 -10.46
CA THR B 14 22.83 -9.61 -11.35
C THR B 14 21.85 -9.66 -12.50
N LEU B 15 21.20 -8.53 -12.79
CA LEU B 15 20.22 -8.47 -13.86
C LEU B 15 20.60 -7.42 -14.90
N GLU B 16 20.51 -7.80 -16.17
CA GLU B 16 20.82 -6.90 -17.27
C GLU B 16 19.55 -6.31 -17.87
N VAL B 17 19.21 -5.09 -17.44
CA VAL B 17 18.01 -4.42 -17.91
C VAL B 17 18.29 -3.02 -18.45
N GLU B 18 17.23 -2.28 -18.72
CA GLU B 18 17.34 -0.93 -19.25
C GLU B 18 16.46 0.03 -18.44
N PRO B 19 16.77 1.34 -18.51
CA PRO B 19 15.95 2.35 -17.81
C PRO B 19 14.48 2.32 -18.21
N SER B 20 14.20 1.83 -19.41
CA SER B 20 12.83 1.79 -19.93
C SER B 20 11.99 0.71 -19.25
N ASP B 21 12.65 -0.34 -18.76
CA ASP B 21 11.96 -1.46 -18.13
C ASP B 21 11.23 -1.04 -16.86
N THR B 22 9.98 -1.46 -16.75
CA THR B 22 9.20 -1.19 -15.54
C THR B 22 9.45 -2.25 -14.48
N ILE B 23 8.96 -2.00 -13.28
CA ILE B 23 9.14 -2.94 -12.17
C ILE B 23 8.47 -4.28 -12.47
N GLU B 24 7.37 -4.23 -13.21
CA GLU B 24 6.65 -5.44 -13.60
C GLU B 24 7.52 -6.35 -14.47
N ASN B 25 8.37 -5.74 -15.29
CA ASN B 25 9.27 -6.50 -16.15
C ASN B 25 10.54 -6.93 -15.42
N VAL B 26 10.94 -6.14 -14.43
CA VAL B 26 12.11 -6.49 -13.61
C VAL B 26 11.79 -7.72 -12.78
N LYS B 27 10.55 -7.80 -12.28
CA LYS B 27 10.11 -8.95 -11.51
C LYS B 27 10.07 -10.20 -12.38
N ALA B 28 9.89 -10.01 -13.69
CA ALA B 28 9.89 -11.11 -14.63
C ALA B 28 11.30 -11.67 -14.82
N LYS B 29 12.29 -10.79 -14.69
CA LYS B 29 13.69 -11.20 -14.80
C LYS B 29 14.11 -12.02 -13.57
N ILE B 30 13.55 -11.66 -12.42
CA ILE B 30 13.82 -12.39 -11.19
C ILE B 30 13.13 -13.74 -11.23
N GLN B 31 11.99 -13.79 -11.92
CA GLN B 31 11.22 -15.02 -12.10
C GLN B 31 12.03 -16.07 -12.85
N ASP B 32 12.86 -15.62 -13.79
CA ASP B 32 13.64 -16.52 -14.62
C ASP B 32 15.02 -16.79 -14.01
N LYS B 33 15.28 -16.22 -12.85
CA LYS B 33 16.58 -16.38 -12.20
C LYS B 33 16.47 -17.06 -10.84
N GLU B 34 15.32 -16.94 -10.21
CA GLU B 34 15.10 -17.54 -8.89
C GLU B 34 13.87 -18.43 -8.85
N GLY B 35 12.92 -18.15 -9.75
CA GLY B 35 11.69 -18.92 -9.81
C GLY B 35 10.61 -18.34 -8.91
N ILE B 36 10.91 -17.23 -8.26
CA ILE B 36 9.96 -16.57 -7.37
C ILE B 36 8.93 -15.78 -8.17
N PRO B 37 7.64 -16.11 -7.98
CA PRO B 37 6.54 -15.44 -8.69
C PRO B 37 6.51 -13.94 -8.43
N PRO B 38 6.31 -13.13 -9.48
CA PRO B 38 6.25 -11.67 -9.38
C PRO B 38 5.19 -11.20 -8.38
N ASP B 39 4.17 -12.02 -8.16
CA ASP B 39 3.09 -11.67 -7.24
C ASP B 39 3.56 -11.69 -5.80
N GLN B 40 4.69 -12.35 -5.54
CA GLN B 40 5.21 -12.48 -4.18
C GLN B 40 6.59 -11.83 -4.04
N GLN B 41 6.81 -10.73 -4.75
CA GLN B 41 8.09 -10.04 -4.70
C GLN B 41 7.94 -8.57 -4.28
N ARG B 42 8.76 -8.17 -3.30
CA ARG B 42 8.83 -6.77 -2.90
C ARG B 42 10.24 -6.22 -3.09
N LEU B 43 10.37 -5.29 -4.03
CA LEU B 43 11.66 -4.65 -4.28
C LEU B 43 11.76 -3.35 -3.51
N ILE B 44 12.86 -3.19 -2.77
CA ILE B 44 13.08 -1.99 -1.97
C ILE B 44 14.36 -1.28 -2.40
N PHE B 45 14.23 -0.02 -2.82
CA PHE B 45 15.39 0.77 -3.22
C PHE B 45 15.37 2.13 -2.55
N ALA B 46 16.49 2.50 -1.93
CA ALA B 46 16.65 3.78 -1.25
C ALA B 46 15.53 4.01 -0.23
N GLY B 47 15.12 2.94 0.43
CA GLY B 47 14.11 3.02 1.47
C GLY B 47 12.69 3.11 0.95
N LYS B 48 12.51 2.86 -0.34
CA LYS B 48 11.19 2.97 -0.95
C LYS B 48 10.75 1.67 -1.62
N GLN B 49 9.48 1.31 -1.40
CA GLN B 49 8.89 0.17 -2.08
C GLN B 49 8.59 0.52 -3.53
N LEU B 50 9.00 -0.34 -4.45
CA LEU B 50 8.82 -0.08 -5.88
C LEU B 50 7.46 -0.60 -6.36
N GLU B 51 6.67 0.29 -6.94
CA GLU B 51 5.33 -0.08 -7.42
C GLU B 51 5.36 -0.47 -8.89
N ASP B 52 4.46 -1.36 -9.28
CA ASP B 52 4.45 -1.92 -10.62
C ASP B 52 4.02 -0.92 -11.69
N GLY B 53 3.46 0.21 -11.27
CA GLY B 53 2.95 1.21 -12.19
C GLY B 53 4.01 2.14 -12.75
N ARG B 54 5.23 2.05 -12.23
CA ARG B 54 6.30 2.94 -12.66
C ARG B 54 7.53 2.17 -13.12
N THR B 55 8.44 2.87 -13.80
CA THR B 55 9.66 2.25 -14.31
C THR B 55 10.85 2.50 -13.41
N LEU B 56 12.03 2.09 -13.87
CA LEU B 56 13.26 2.26 -13.10
C LEU B 56 13.70 3.72 -13.08
N SER B 57 13.40 4.44 -14.16
CA SER B 57 13.79 5.84 -14.28
C SER B 57 13.03 6.73 -13.31
N ASP B 58 11.83 6.29 -12.94
CA ASP B 58 11.00 7.05 -12.01
C ASP B 58 11.58 7.05 -10.61
N TYR B 59 12.41 6.05 -10.32
CA TYR B 59 13.06 5.94 -9.02
C TYR B 59 14.54 6.32 -9.10
N ASN B 60 14.93 6.90 -10.23
CA ASN B 60 16.31 7.29 -10.50
C ASN B 60 17.29 6.13 -10.32
N ILE B 61 16.85 4.94 -10.70
CA ILE B 61 17.68 3.74 -10.63
C ILE B 61 18.46 3.57 -11.92
N GLN B 62 19.77 3.35 -11.80
CA GLN B 62 20.61 3.18 -12.98
C GLN B 62 21.73 2.16 -12.74
N LYS B 63 22.94 2.48 -13.19
CA LYS B 63 24.05 1.53 -13.16
C LYS B 63 24.55 1.25 -11.75
N GLU B 64 24.91 0.00 -11.51
CA GLU B 64 25.47 -0.45 -10.23
C GLU B 64 24.56 -0.17 -9.04
N SER B 65 23.25 -0.16 -9.28
CA SER B 65 22.29 0.05 -8.22
C SER B 65 21.94 -1.26 -7.52
N THR B 66 21.82 -1.22 -6.20
CA THR B 66 21.51 -2.41 -5.41
C THR B 66 20.07 -2.41 -4.94
N LEU B 67 19.32 -3.43 -5.32
CA LEU B 67 17.93 -3.57 -4.89
C LEU B 67 17.81 -4.61 -3.79
N HIS B 68 16.74 -4.52 -3.00
CA HIS B 68 16.50 -5.46 -1.93
C HIS B 68 15.21 -6.23 -2.16
N LEU B 69 15.31 -7.56 -2.25
CA LEU B 69 14.15 -8.40 -2.47
C LEU B 69 13.63 -9.01 -1.17
N VAL B 70 12.39 -8.68 -0.84
CA VAL B 70 11.73 -9.21 0.35
C VAL B 70 10.45 -9.93 -0.06
N LEU B 71 10.20 -11.10 0.51
CA LEU B 71 9.04 -11.89 0.15
C LEU B 71 7.75 -11.30 0.72
N ARG B 72 6.65 -11.48 -0.03
CA ARG B 72 5.34 -10.99 0.38
C ARG B 72 4.76 -11.88 1.48
N LEU B 73 4.61 -11.32 2.67
CA LEU B 73 4.09 -12.07 3.81
C LEU B 73 2.60 -12.38 3.67
N ARG B 74 2.16 -13.46 4.29
CA ARG B 74 0.76 -13.82 4.29
C ARG B 74 0.18 -13.77 5.70
N GLY B 75 -0.46 -12.66 6.03
CA GLY B 75 -1.08 -12.48 7.33
C GLY B 75 -2.58 -12.62 7.25
ZN ZN C . 34.05 8.34 -5.46
C1 PGO D . -18.10 -0.63 7.60
C2 PGO D . -16.96 -1.50 7.14
C3 PGO D . -17.41 -2.38 5.99
O1 PGO D . -17.64 0.65 7.96
O2 PGO D . -16.53 -2.33 8.19
C1 PGO E . 4.63 13.80 -1.67
C2 PGO E . 3.61 14.87 -1.35
C3 PGO E . 4.03 16.18 -1.98
O1 PGO E . 3.97 12.67 -2.22
O2 PGO E . 3.53 15.03 0.05
C1 PGO F . -20.49 0.78 -7.12
C2 PGO F . -21.49 -0.35 -7.13
C3 PGO F . -21.68 -0.86 -5.72
O1 PGO F . -20.77 1.64 -6.03
O2 PGO F . -21.01 -1.39 -7.96
C1 PGO G . -26.07 2.34 -6.14
C2 PGO G . -27.38 2.02 -6.80
C3 PGO G . -27.64 2.99 -7.94
O1 PGO G . -25.08 1.41 -6.52
O2 PGO G . -28.42 2.10 -5.86
C1 PGO H . 24.43 1.36 -0.43
C2 PGO H . 24.28 1.13 -1.91
C3 PGO H . 25.64 0.88 -2.53
O1 PGO H . 23.17 1.57 0.16
O2 PGO H . 23.73 2.27 -2.51
CA 3CN I . -5.53 -12.73 9.92
CB 3CN I . -5.21 -14.06 9.29
CC 3CN I . -4.66 -13.81 7.90
ND 3CN I . -3.24 -13.68 7.98
#